data_5YSM
#
_entry.id   5YSM
#
_cell.length_a   35.105
_cell.length_b   70.335
_cell.length_c   81.019
_cell.angle_alpha   90.000
_cell.angle_beta   94.430
_cell.angle_gamma   90.000
#
_symmetry.space_group_name_H-M   'P 1 21 1'
#
loop_
_entity.id
_entity.type
_entity.pdbx_description
1 polymer 'Cytochrome P450'
2 non-polymer 'PROTOPORPHYRIN IX CONTAINING FE'
3 water water
#
_entity_poly.entity_id   1
_entity_poly.type   'polypeptide(L)'
_entity_poly.pdbx_seq_one_letter_code
;MGSSHHHHHHSSGLVPRGSHMVTTKVTENAPSTESLRSPLPPEFVRREDPFHVPPALVAVSERGPVARATLAAGDPFWLV
SGYEEARAVLSDPRFSSDRFQYHPWFKELSPEFRERLRDDKARAGSFINMDPPEHTRYRKLLTGQFTVRRIRELGARIDE
IVAGRVDAMLAGGTTADLMTEFAFPAPSLMICELLGVRYEDRAEFQQRASALLQMNAPVAEAVKNADALRAFMQALVTDK
RANPAGDIISGLIHHAGADPALTDDELINIANLLLIAGYDTTASMLGLGIFVLLQRPAQLATLRDDPSRIADAVEELLRY
LSVVNPGIFRFAKEDLEFAGEHIPAGSTVVVSVVATNRDARHWPDPDLDLTRPRGPHLAFGHGVHQCLGQQLARMEMQAG
YAELLRRLPNVRLAVPPEEVPLRNDMLTYGVHSLPIAWDAP
;
_entity_poly.pdbx_strand_id   A
#
loop_
_chem_comp.id
_chem_comp.type
_chem_comp.name
_chem_comp.formula
HEM non-polymer 'PROTOPORPHYRIN IX CONTAINING FE' 'C34 H32 Fe N4 O4'
#
# COMPACT_ATOMS: atom_id res chain seq x y z
N LEU A 40 18.52 0.92 5.32
CA LEU A 40 19.23 2.23 5.19
C LEU A 40 20.30 2.17 4.07
N PRO A 41 21.26 1.21 4.09
CA PRO A 41 22.14 1.21 2.90
C PRO A 41 21.35 1.04 1.61
N PRO A 42 21.73 1.78 0.53
CA PRO A 42 20.99 1.73 -0.74
C PRO A 42 20.96 0.34 -1.40
N GLU A 43 22.02 -0.44 -1.19
CA GLU A 43 22.08 -1.87 -1.56
C GLU A 43 20.82 -2.62 -1.10
N PHE A 44 20.22 -2.20 0.01
CA PHE A 44 19.07 -2.92 0.52
C PHE A 44 17.78 -2.34 0.05
N VAL A 45 17.86 -1.23 -0.69
CA VAL A 45 16.67 -0.49 -1.14
C VAL A 45 16.43 -0.63 -2.65
N ARG A 46 17.52 -0.58 -3.39
CA ARG A 46 17.46 -0.45 -4.81
C ARG A 46 17.00 -1.80 -5.39
N ARG A 47 16.02 -1.77 -6.28
CA ARG A 47 15.58 -2.95 -6.98
C ARG A 47 15.77 -2.68 -8.44
N GLU A 48 16.74 -3.34 -9.06
CA GLU A 48 17.09 -3.01 -10.45
C GLU A 48 15.98 -3.50 -11.39
N ASP A 49 15.06 -4.32 -10.89
CA ASP A 49 14.06 -4.92 -11.74
C ASP A 49 12.96 -5.53 -10.86
N PRO A 50 11.70 -5.56 -11.33
CA PRO A 50 10.62 -6.06 -10.45
C PRO A 50 10.68 -7.60 -10.33
N PHE A 51 11.44 -8.25 -11.20
CA PHE A 51 11.44 -9.70 -11.32
C PHE A 51 12.47 -10.33 -10.40
N HIS A 52 13.30 -9.56 -9.71
CA HIS A 52 14.38 -10.18 -8.93
C HIS A 52 14.49 -9.53 -7.58
N VAL A 53 14.88 -10.34 -6.61
CA VAL A 53 15.17 -9.83 -5.29
C VAL A 53 16.56 -9.21 -5.41
N PRO A 54 16.75 -8.04 -4.77
CA PRO A 54 18.03 -7.34 -4.77
C PRO A 54 19.18 -8.25 -4.29
N PRO A 55 20.24 -8.36 -5.09
CA PRO A 55 21.31 -9.30 -4.76
C PRO A 55 21.81 -9.23 -3.34
N ALA A 56 21.95 -8.02 -2.82
CA ALA A 56 22.40 -7.81 -1.46
C ALA A 56 21.46 -8.53 -0.47
N LEU A 57 20.16 -8.41 -0.68
CA LEU A 57 19.20 -9.12 0.12
C LEU A 57 19.28 -10.61 -0.01
N VAL A 58 19.42 -11.10 -1.24
CA VAL A 58 19.61 -12.51 -1.46
C VAL A 58 20.82 -12.98 -0.60
N ALA A 59 21.89 -12.18 -0.63
CA ALA A 59 23.15 -12.49 0.11
C ALA A 59 22.85 -12.56 1.56
N VAL A 60 22.21 -11.54 2.09
CA VAL A 60 21.94 -11.52 3.51
C VAL A 60 21.05 -12.71 3.89
N SER A 61 20.06 -13.05 3.07
CA SER A 61 19.12 -14.13 3.44
C SER A 61 19.80 -15.50 3.46
N GLU A 62 20.95 -15.61 2.82
CA GLU A 62 21.69 -16.86 2.85
C GLU A 62 22.34 -17.06 4.21
N ARG A 63 22.67 -15.97 4.90
CA ARG A 63 23.13 -16.07 6.27
C ARG A 63 22.02 -16.40 7.27
N GLY A 64 20.75 -16.45 6.79
CA GLY A 64 19.59 -16.89 7.60
C GLY A 64 18.39 -15.97 7.39
N PRO A 65 17.21 -16.35 7.90
CA PRO A 65 15.98 -15.55 7.73
C PRO A 65 15.85 -14.33 8.64
N VAL A 66 16.68 -14.23 9.69
CA VAL A 66 16.74 -13.07 10.58
C VAL A 66 18.23 -12.81 10.68
N ALA A 67 18.74 -11.82 9.97
CA ALA A 67 20.16 -11.75 9.77
C ALA A 67 20.71 -10.37 10.10
N ARG A 68 21.85 -10.39 10.80
CA ARG A 68 22.49 -9.18 11.23
C ARG A 68 23.08 -8.48 10.04
N ALA A 69 23.00 -7.17 9.99
CA ALA A 69 23.60 -6.39 8.88
C ALA A 69 24.04 -5.11 9.50
N THR A 70 24.64 -4.20 8.74
CA THR A 70 25.30 -3.03 9.33
C THR A 70 24.85 -1.70 8.68
N LEU A 71 24.48 -0.75 9.50
CA LEU A 71 23.75 0.43 9.07
C LEU A 71 24.65 1.51 8.50
N ASP A 75 26.63 0.36 13.15
CA ASP A 75 25.42 -0.05 13.87
C ASP A 75 24.76 -1.26 13.19
N PRO A 76 24.54 -2.37 13.93
CA PRO A 76 23.88 -3.56 13.36
C PRO A 76 22.34 -3.44 13.37
N PHE A 77 21.71 -3.82 12.28
CA PHE A 77 20.24 -3.83 12.25
C PHE A 77 20.00 -5.23 11.75
N TRP A 78 18.77 -5.73 11.87
CA TRP A 78 18.47 -7.08 11.46
C TRP A 78 17.50 -7.04 10.31
N LEU A 79 17.72 -7.93 9.39
CA LEU A 79 16.91 -8.04 8.17
C LEU A 79 16.20 -9.36 8.22
N VAL A 80 14.86 -9.32 8.22
CA VAL A 80 13.99 -10.52 8.22
C VAL A 80 13.54 -10.80 6.79
N SER A 81 13.75 -12.03 6.32
CA SER A 81 13.50 -12.44 4.96
C SER A 81 12.74 -13.78 4.89
N GLY A 82 12.36 -14.29 6.06
CA GLY A 82 11.65 -15.54 6.12
C GLY A 82 10.20 -15.27 6.45
N TYR A 83 9.31 -15.98 5.77
CA TYR A 83 7.88 -15.80 5.90
C TYR A 83 7.40 -16.08 7.34
N GLU A 84 7.79 -17.21 7.92
CA GLU A 84 7.30 -17.59 9.22
C GLU A 84 7.90 -16.62 10.27
N GLU A 85 9.17 -16.21 10.09
CA GLU A 85 9.84 -15.33 11.04
C GLU A 85 9.33 -13.88 11.00
N ALA A 86 8.94 -13.46 9.81
CA ALA A 86 8.35 -12.11 9.65
C ALA A 86 6.97 -12.02 10.39
N ARG A 87 6.14 -13.03 10.22
CA ARG A 87 4.86 -13.12 10.93
C ARG A 87 5.07 -13.13 12.46
N ALA A 88 6.14 -13.80 12.90
CA ALA A 88 6.50 -13.81 14.33
C ALA A 88 6.84 -12.43 14.83
N VAL A 89 7.71 -11.70 14.12
CA VAL A 89 8.20 -10.44 14.64
C VAL A 89 7.11 -9.43 14.66
N LEU A 90 6.20 -9.52 13.69
CA LEU A 90 5.12 -8.55 13.50
C LEU A 90 3.99 -8.77 14.49
N SER A 91 3.98 -9.95 15.11
CA SER A 91 3.01 -10.17 16.17
C SER A 91 3.67 -10.36 17.54
N ASP A 92 4.96 -10.12 17.65
CA ASP A 92 5.65 -10.21 18.92
C ASP A 92 5.58 -8.88 19.64
N PRO A 93 5.09 -8.86 20.88
CA PRO A 93 4.99 -7.58 21.61
C PRO A 93 6.28 -6.96 22.13
N ARG A 94 7.42 -7.64 21.97
CA ARG A 94 8.71 -7.03 22.35
C ARG A 94 9.27 -6.06 21.30
N PHE A 95 8.62 -6.00 20.13
CA PHE A 95 8.97 -5.10 19.08
C PHE A 95 8.03 -3.90 18.95
N SER A 96 8.58 -2.71 18.92
CA SER A 96 7.82 -1.48 18.82
C SER A 96 7.74 -0.91 17.44
N SER A 97 6.62 -0.20 17.19
CA SER A 97 6.48 0.67 15.99
C SER A 97 6.92 2.11 16.25
N ASP A 98 7.36 2.43 17.48
CA ASP A 98 7.83 3.77 17.89
C ASP A 98 9.39 3.75 17.69
N ARG A 99 9.86 4.51 16.70
CA ARG A 99 11.25 4.62 16.23
C ARG A 99 12.21 5.19 17.28
N PHE A 100 11.65 6.05 18.11
CA PHE A 100 12.38 6.88 19.01
C PHE A 100 12.27 6.36 20.43
N GLN A 101 11.04 6.08 20.89
CA GLN A 101 10.80 5.78 22.29
C GLN A 101 11.86 4.88 22.87
N TYR A 102 12.36 3.93 22.05
CA TYR A 102 13.29 2.89 22.53
C TYR A 102 14.67 3.05 21.88
N ARG A 123 2.84 13.26 16.52
CA ARG A 123 1.57 13.84 16.18
C ARG A 123 0.42 12.95 16.63
N ALA A 124 -0.51 13.58 17.33
CA ALA A 124 -1.60 12.92 18.01
C ALA A 124 -2.47 12.23 16.96
N GLY A 125 -2.85 10.98 17.22
CA GLY A 125 -3.67 10.21 16.30
C GLY A 125 -2.93 9.50 15.18
N SER A 126 -1.60 9.66 15.10
CA SER A 126 -0.83 8.99 14.02
C SER A 126 -0.45 7.62 14.53
N PHE A 127 -1.39 6.71 14.41
CA PHE A 127 -1.33 5.48 15.13
C PHE A 127 -0.38 4.50 14.49
N ILE A 128 0.08 4.77 13.26
CA ILE A 128 0.97 3.83 12.59
C ILE A 128 2.30 3.68 13.39
N ASN A 129 2.69 4.70 14.13
CA ASN A 129 3.93 4.57 14.96
C ASN A 129 3.66 4.48 16.42
N MET A 130 2.50 3.94 16.78
CA MET A 130 2.17 3.67 18.17
C MET A 130 2.14 2.20 18.46
N ASP A 131 2.31 1.89 19.75
CA ASP A 131 2.09 0.57 20.27
C ASP A 131 0.80 0.50 21.12
N PRO A 132 0.30 -0.70 21.33
CA PRO A 132 -0.78 -0.83 22.32
C PRO A 132 -0.28 -0.43 23.74
N PRO A 133 -1.15 0.14 24.62
CA PRO A 133 -2.59 0.37 24.27
C PRO A 133 -2.96 1.65 23.54
N GLU A 134 -2.08 2.64 23.38
CA GLU A 134 -2.45 3.86 22.65
C GLU A 134 -2.90 3.53 21.21
N HIS A 135 -2.19 2.61 20.57
CA HIS A 135 -2.58 2.18 19.20
C HIS A 135 -3.95 1.59 19.13
N THR A 136 -4.28 0.78 20.13
CA THR A 136 -5.49 0.07 20.17
C THR A 136 -6.65 1.02 20.17
N ARG A 137 -6.50 2.18 20.83
CA ARG A 137 -7.62 3.11 20.92
C ARG A 137 -8.06 3.58 19.54
N TYR A 138 -7.08 4.10 18.80
CA TYR A 138 -7.28 4.56 17.46
C TYR A 138 -7.70 3.43 16.53
N ARG A 139 -7.03 2.31 16.60
CA ARG A 139 -7.33 1.19 15.70
C ARG A 139 -8.76 0.73 15.83
N LYS A 140 -9.24 0.64 17.07
CA LYS A 140 -10.58 0.20 17.32
C LYS A 140 -11.57 1.17 16.72
N LEU A 141 -11.29 2.45 16.81
CA LEU A 141 -12.18 3.50 16.29
C LEU A 141 -12.26 3.43 14.77
N LEU A 142 -11.13 3.26 14.13
CA LEU A 142 -11.10 3.20 12.66
C LEU A 142 -11.69 1.89 12.12
N THR A 143 -11.36 0.78 12.74
CA THR A 143 -11.93 -0.49 12.40
C THR A 143 -13.43 -0.49 12.57
N GLY A 144 -13.88 0.06 13.69
CA GLY A 144 -15.28 0.32 13.96
C GLY A 144 -15.99 1.02 12.80
N GLN A 145 -15.32 1.95 12.14
CA GLN A 145 -15.96 2.78 11.11
C GLN A 145 -15.83 2.19 9.70
N PHE A 146 -15.00 1.15 9.53
CA PHE A 146 -15.00 0.38 8.29
C PHE A 146 -16.15 -0.62 8.30
N THR A 147 -17.38 -0.08 8.21
CA THR A 147 -18.58 -0.88 8.26
C THR A 147 -18.97 -1.49 6.94
N VAL A 148 -19.86 -2.46 6.98
CA VAL A 148 -20.30 -3.13 5.74
C VAL A 148 -21.01 -2.08 4.86
N ARG A 149 -21.69 -1.07 5.47
CA ARG A 149 -22.35 -0.02 4.66
C ARG A 149 -21.29 0.81 3.93
N ARG A 150 -20.29 1.27 4.66
CA ARG A 150 -19.22 2.04 4.09
C ARG A 150 -18.48 1.27 3.06
N ILE A 151 -18.14 0.03 3.34
CA ILE A 151 -17.46 -0.84 2.37
C ILE A 151 -18.30 -1.02 1.09
N ARG A 152 -19.60 -1.28 1.25
CA ARG A 152 -20.48 -1.41 0.10
C ARG A 152 -20.57 -0.13 -0.76
N GLU A 153 -20.71 1.00 -0.12
CA GLU A 153 -20.80 2.25 -0.85
C GLU A 153 -19.45 2.60 -1.53
N LEU A 154 -18.35 2.42 -0.79
CA LEU A 154 -17.00 2.65 -1.40
C LEU A 154 -16.68 1.72 -2.58
N GLY A 155 -17.06 0.46 -2.51
CA GLY A 155 -16.92 -0.48 -3.63
C GLY A 155 -17.60 0.06 -4.86
N ALA A 156 -18.84 0.56 -4.70
CA ALA A 156 -19.57 1.12 -5.87
C ALA A 156 -18.92 2.39 -6.42
N ARG A 157 -18.45 3.23 -5.51
CA ARG A 157 -17.79 4.41 -5.89
C ARG A 157 -16.48 4.07 -6.64
N ILE A 158 -15.76 3.09 -6.10
CA ILE A 158 -14.52 2.59 -6.78
C ILE A 158 -14.82 2.10 -8.22
N ASP A 159 -15.87 1.31 -8.39
CA ASP A 159 -16.28 0.87 -9.72
C ASP A 159 -16.50 2.09 -10.60
N GLU A 160 -17.21 3.13 -10.10
CA GLU A 160 -17.49 4.35 -10.89
C GLU A 160 -16.18 5.12 -11.22
N ILE A 161 -15.30 5.24 -10.24
CA ILE A 161 -13.99 5.87 -10.39
C ILE A 161 -13.14 5.28 -11.48
N VAL A 162 -12.98 3.98 -11.43
CA VAL A 162 -12.17 3.30 -12.41
C VAL A 162 -12.80 3.38 -13.80
N ALA A 163 -14.10 3.22 -13.87
CA ALA A 163 -14.77 3.37 -15.16
C ALA A 163 -14.63 4.79 -15.76
N GLY A 164 -14.73 5.81 -14.91
CA GLY A 164 -14.54 7.20 -15.33
C GLY A 164 -13.13 7.47 -15.85
N ARG A 165 -12.14 6.89 -15.21
CA ARG A 165 -10.78 7.18 -15.67
C ARG A 165 -10.52 6.50 -16.99
N VAL A 166 -11.02 5.27 -17.13
CA VAL A 166 -10.90 4.56 -18.43
C VAL A 166 -11.71 5.25 -19.56
N ASP A 167 -12.92 5.70 -19.25
CA ASP A 167 -13.73 6.55 -20.19
C ASP A 167 -12.89 7.74 -20.68
N ALA A 168 -12.28 8.50 -19.77
CA ALA A 168 -11.40 9.60 -20.07
C ALA A 168 -10.20 9.22 -20.93
N MET A 169 -9.57 8.11 -20.62
CA MET A 169 -8.42 7.66 -21.40
C MET A 169 -8.86 7.32 -22.84
N LEU A 170 -9.95 6.60 -22.99
CA LEU A 170 -10.45 6.26 -24.32
C LEU A 170 -10.89 7.51 -25.12
N ALA A 171 -11.47 8.47 -24.42
CA ALA A 171 -11.92 9.72 -25.08
C ALA A 171 -10.78 10.53 -25.58
N GLY A 172 -9.63 10.36 -25.01
CA GLY A 172 -8.48 11.21 -25.25
C GLY A 172 -7.56 10.80 -26.36
N GLY A 173 -7.65 9.58 -26.85
CA GLY A 173 -6.67 9.13 -27.83
C GLY A 173 -6.55 7.63 -27.74
N THR A 174 -5.45 7.14 -28.27
CA THR A 174 -5.13 5.72 -28.17
C THR A 174 -3.83 5.53 -27.41
N THR A 175 -3.33 6.58 -26.73
CA THR A 175 -2.16 6.41 -25.90
C THR A 175 -2.34 7.23 -24.59
N ALA A 176 -1.56 6.91 -23.55
CA ALA A 176 -1.63 7.68 -22.31
C ALA A 176 -0.45 7.32 -21.40
N ASP A 177 -0.08 8.20 -20.49
CA ASP A 177 0.78 7.81 -19.41
C ASP A 177 -0.18 7.19 -18.35
N LEU A 178 -0.08 5.88 -18.07
CA LEU A 178 -1.00 5.28 -17.11
C LEU A 178 -0.92 5.88 -15.71
N MET A 179 0.26 6.33 -15.32
CA MET A 179 0.40 6.95 -13.99
C MET A 179 -0.44 8.27 -13.79
N THR A 180 -0.31 9.17 -14.72
CA THR A 180 -1.04 10.47 -14.81
C THR A 180 -2.48 10.27 -14.96
N GLU A 181 -2.88 9.34 -15.84
CA GLU A 181 -4.31 9.25 -16.23
C GLU A 181 -5.14 8.27 -15.42
N PHE A 182 -4.48 7.34 -14.75
CA PHE A 182 -5.19 6.23 -14.05
C PHE A 182 -4.62 5.94 -12.68
N ALA A 183 -3.33 5.59 -12.58
CA ALA A 183 -2.81 5.02 -11.35
C ALA A 183 -2.74 5.97 -10.18
N PHE A 184 -2.44 7.25 -10.40
CA PHE A 184 -2.62 8.24 -9.29
C PHE A 184 -4.05 8.76 -9.07
N PRO A 185 -4.77 9.12 -10.15
CA PRO A 185 -6.15 9.54 -10.00
C PRO A 185 -7.03 8.55 -9.26
N ALA A 186 -6.91 7.24 -9.52
CA ALA A 186 -7.88 6.33 -8.95
C ALA A 186 -7.81 6.28 -7.44
N PRO A 187 -6.57 6.19 -6.87
CA PRO A 187 -6.53 6.15 -5.44
C PRO A 187 -6.82 7.49 -4.80
N SER A 188 -6.47 8.59 -5.44
CA SER A 188 -6.77 9.89 -4.80
C SER A 188 -8.28 10.17 -4.74
N LEU A 189 -9.01 9.76 -5.76
CA LEU A 189 -10.45 9.85 -5.76
C LEU A 189 -11.04 8.87 -4.74
N MET A 190 -10.46 7.67 -4.58
CA MET A 190 -10.94 6.78 -3.59
C MET A 190 -10.89 7.40 -2.20
N ILE A 191 -9.78 8.02 -1.95
CA ILE A 191 -9.53 8.64 -0.65
C ILE A 191 -10.48 9.86 -0.52
N CYS A 192 -10.69 10.66 -1.58
CA CYS A 192 -11.77 11.66 -1.56
C CYS A 192 -13.08 11.14 -1.06
N GLU A 193 -13.49 9.98 -1.55
CA GLU A 193 -14.80 9.42 -1.21
C GLU A 193 -14.75 8.94 0.27
N LEU A 194 -13.62 8.36 0.70
CA LEU A 194 -13.50 7.86 2.04
C LEU A 194 -13.63 8.99 3.08
N LEU A 195 -12.98 10.11 2.77
CA LEU A 195 -12.81 11.27 3.71
C LEU A 195 -14.00 12.24 3.58
N GLY A 196 -14.83 12.07 2.56
CA GLY A 196 -15.95 12.97 2.35
C GLY A 196 -15.66 14.30 1.66
N VAL A 197 -14.63 14.33 0.79
CA VAL A 197 -14.29 15.51 0.00
C VAL A 197 -15.35 15.66 -1.16
N ARG A 198 -16.00 16.82 -1.18
CA ARG A 198 -17.03 17.16 -2.15
C ARG A 198 -16.47 17.24 -3.53
N TYR A 199 -17.27 16.95 -4.56
CA TYR A 199 -16.86 17.05 -5.98
C TYR A 199 -16.07 18.29 -6.30
N GLU A 200 -16.62 19.43 -5.95
CA GLU A 200 -16.04 20.75 -6.26
C GLU A 200 -14.74 21.02 -5.52
N ASP A 201 -14.41 20.19 -4.53
CA ASP A 201 -13.10 20.31 -3.89
C ASP A 201 -12.08 19.24 -4.30
N ARG A 202 -12.42 18.36 -5.24
CA ARG A 202 -11.44 17.27 -5.57
C ARG A 202 -10.20 17.82 -6.31
N ALA A 203 -10.39 18.83 -7.15
CA ALA A 203 -9.29 19.42 -7.91
C ALA A 203 -8.24 19.91 -6.99
N GLU A 204 -8.68 20.65 -5.96
CA GLU A 204 -7.82 21.21 -5.00
C GLU A 204 -7.20 20.02 -4.25
N PHE A 205 -7.99 19.02 -3.91
CA PHE A 205 -7.40 17.92 -3.13
C PHE A 205 -6.35 17.20 -3.94
N GLN A 206 -6.61 16.98 -5.23
CA GLN A 206 -5.66 16.30 -6.09
C GLN A 206 -4.39 17.11 -6.24
N GLN A 207 -4.50 18.44 -6.45
CA GLN A 207 -3.33 19.32 -6.58
C GLN A 207 -2.45 19.16 -5.38
N ARG A 208 -3.03 19.35 -4.22
CA ARG A 208 -2.25 19.18 -3.04
C ARG A 208 -1.61 17.80 -3.01
N ALA A 209 -2.44 16.77 -3.17
CA ALA A 209 -1.95 15.39 -3.03
C ALA A 209 -0.67 15.11 -3.84
N SER A 210 -0.64 15.59 -5.08
CA SER A 210 0.58 15.56 -5.89
C SER A 210 1.81 16.00 -5.12
N ALA A 211 1.65 17.07 -4.36
CA ALA A 211 2.77 17.64 -3.69
C ALA A 211 3.33 16.57 -2.80
N LEU A 212 4.62 16.31 -3.03
CA LEU A 212 5.23 15.06 -2.67
C LEU A 212 6.55 14.83 -3.38
N ALA A 226 0.41 18.27 5.48
CA ALA A 226 0.55 19.61 6.02
C ALA A 226 1.22 20.56 5.02
N ASP A 227 1.59 21.75 5.46
CA ASP A 227 0.76 22.49 6.37
C ASP A 227 -0.42 22.97 5.49
N ALA A 228 -0.20 23.08 4.18
CA ALA A 228 -1.26 23.39 3.17
C ALA A 228 -2.31 22.31 3.13
N LEU A 229 -1.82 21.08 3.04
CA LEU A 229 -2.65 19.93 3.15
C LEU A 229 -3.28 19.84 4.54
N ARG A 230 -2.55 20.25 5.55
CA ARG A 230 -3.07 20.21 6.93
C ARG A 230 -4.24 21.21 7.08
N ALA A 231 -4.13 22.30 6.34
CA ALA A 231 -5.14 23.35 6.34
C ALA A 231 -6.44 22.88 5.65
N PHE A 232 -6.29 22.02 4.66
CA PHE A 232 -7.42 21.47 3.96
C PHE A 232 -8.21 20.60 4.90
N MET A 233 -7.52 19.74 5.66
CA MET A 233 -8.20 18.74 6.48
C MET A 233 -8.84 19.41 7.68
N GLN A 234 -8.26 20.54 8.09
CA GLN A 234 -8.85 21.32 9.16
C GLN A 234 -10.19 21.79 8.72
N ALA A 235 -10.23 22.34 7.50
CA ALA A 235 -11.48 22.88 6.97
C ALA A 235 -12.53 21.77 6.87
N LEU A 236 -12.10 20.62 6.35
CA LEU A 236 -12.94 19.48 6.18
C LEU A 236 -13.54 19.02 7.52
N VAL A 237 -12.69 18.92 8.53
CA VAL A 237 -13.08 18.51 9.90
C VAL A 237 -14.15 19.45 10.43
N THR A 238 -13.84 20.74 10.39
CA THR A 238 -14.79 21.79 10.83
C THR A 238 -16.14 21.67 10.07
N ASP A 239 -16.06 21.39 8.77
CA ASP A 239 -17.26 21.18 7.99
C ASP A 239 -18.03 19.93 8.44
N LYS A 240 -17.31 18.81 8.73
CA LYS A 240 -17.99 17.61 9.22
C LYS A 240 -18.63 17.78 10.64
N ARG A 241 -18.06 18.59 11.50
CA ARG A 241 -18.67 18.79 12.84
C ARG A 241 -20.01 19.51 12.64
N ALA A 242 -20.03 20.50 11.78
CA ALA A 242 -21.24 21.27 11.51
C ALA A 242 -22.23 20.50 10.66
N ASN A 243 -21.72 19.78 9.67
CA ASN A 243 -22.56 19.19 8.65
C ASN A 243 -22.24 17.73 8.44
N PRO A 244 -22.74 16.86 9.32
CA PRO A 244 -22.32 15.46 9.19
C PRO A 244 -22.87 14.74 7.96
N ALA A 245 -22.00 13.93 7.36
CA ALA A 245 -22.33 13.15 6.22
C ALA A 245 -22.05 11.64 6.53
N GLY A 246 -21.80 10.85 5.49
CA GLY A 246 -21.68 9.43 5.72
C GLY A 246 -20.25 9.00 5.63
N ASP A 247 -19.33 9.93 5.50
CA ASP A 247 -17.93 9.63 5.36
C ASP A 247 -17.33 9.18 6.71
N ILE A 248 -16.09 8.74 6.69
CA ILE A 248 -15.50 8.19 7.91
C ILE A 248 -15.12 9.25 8.97
N ILE A 249 -14.78 10.46 8.53
CA ILE A 249 -14.46 11.56 9.45
C ILE A 249 -15.75 11.95 10.20
N SER A 250 -16.87 12.04 9.47
CA SER A 250 -18.17 12.22 10.08
C SER A 250 -18.47 11.11 11.06
N GLY A 251 -18.17 9.86 10.68
CA GLY A 251 -18.42 8.75 11.53
C GLY A 251 -17.63 8.86 12.83
N LEU A 252 -16.35 9.19 12.72
CA LEU A 252 -15.51 9.39 13.90
C LEU A 252 -15.93 10.50 14.83
N ILE A 253 -16.41 11.58 14.27
CA ILE A 253 -16.96 12.71 15.04
C ILE A 253 -18.28 12.27 15.72
N HIS A 254 -19.22 11.67 15.00
CA HIS A 254 -20.60 11.64 15.46
C HIS A 254 -21.09 10.32 15.82
N HIS A 255 -20.48 9.27 15.25
CA HIS A 255 -21.05 7.98 15.34
C HIS A 255 -20.20 6.88 15.98
N ALA A 256 -18.94 7.14 16.33
CA ALA A 256 -18.08 6.08 16.78
C ALA A 256 -18.12 5.82 18.30
N GLY A 257 -18.95 6.57 19.04
CA GLY A 257 -18.94 6.53 20.50
C GLY A 257 -17.56 6.80 21.12
N ALA A 258 -16.78 7.65 20.48
CA ALA A 258 -15.41 7.84 20.87
C ALA A 258 -15.42 8.42 22.26
N ASP A 259 -14.49 7.98 23.08
CA ASP A 259 -14.38 8.58 24.39
C ASP A 259 -12.98 8.31 24.97
N PRO A 260 -12.13 9.34 25.03
CA PRO A 260 -12.63 10.70 24.72
C PRO A 260 -12.91 11.01 23.21
N ALA A 261 -13.64 12.10 22.96
CA ALA A 261 -13.86 12.62 21.59
C ALA A 261 -12.54 12.99 20.91
N LEU A 262 -12.42 12.74 19.61
CA LEU A 262 -11.19 13.08 18.95
C LEU A 262 -11.02 14.55 18.76
N THR A 263 -9.84 15.05 19.00
CA THR A 263 -9.56 16.42 18.81
C THR A 263 -9.54 16.67 17.33
N ASP A 264 -9.54 17.96 16.94
CA ASP A 264 -9.33 18.32 15.58
C ASP A 264 -7.97 17.83 15.14
N ASP A 265 -6.95 17.97 16.00
CA ASP A 265 -5.62 17.56 15.62
C ASP A 265 -5.49 16.06 15.26
N GLU A 266 -6.07 15.22 16.10
CA GLU A 266 -6.15 13.76 15.92
C GLU A 266 -6.85 13.42 14.58
N LEU A 267 -7.90 14.18 14.26
CA LEU A 267 -8.74 13.87 13.06
C LEU A 267 -7.98 14.23 11.85
N ILE A 268 -7.27 15.32 11.95
CA ILE A 268 -6.46 15.77 10.87
C ILE A 268 -5.33 14.78 10.61
N ASN A 269 -4.67 14.29 11.67
CA ASN A 269 -3.55 13.40 11.45
C ASN A 269 -4.03 12.02 10.96
N ILE A 270 -5.21 11.63 11.36
CA ILE A 270 -5.79 10.36 10.91
C ILE A 270 -6.09 10.46 9.43
N ALA A 271 -6.62 11.61 9.05
CA ALA A 271 -7.09 11.80 7.69
C ALA A 271 -5.88 11.78 6.82
N ASN A 272 -4.85 12.48 7.24
CA ASN A 272 -3.63 12.50 6.45
C ASN A 272 -2.92 11.15 6.45
N LEU A 273 -3.05 10.40 7.55
CA LEU A 273 -2.44 9.08 7.60
C LEU A 273 -3.11 8.21 6.54
N LEU A 274 -4.44 8.24 6.48
CA LEU A 274 -5.15 7.41 5.44
C LEU A 274 -4.68 7.77 4.03
N LEU A 275 -4.48 9.05 3.77
CA LEU A 275 -4.04 9.51 2.49
C LEU A 275 -2.72 9.04 2.15
N ILE A 276 -1.80 9.23 3.06
CA ILE A 276 -0.42 8.90 2.83
C ILE A 276 -0.22 7.39 2.80
N ALA A 277 -0.88 6.64 3.65
CA ALA A 277 -0.76 5.17 3.59
C ALA A 277 -1.35 4.51 2.33
N GLY A 278 -2.40 5.11 1.77
CA GLY A 278 -3.13 4.48 0.67
C GLY A 278 -2.82 5.02 -0.72
N TYR A 279 -2.21 6.20 -0.81
CA TYR A 279 -1.98 6.82 -2.11
C TYR A 279 -0.88 6.18 -2.92
N ASP A 280 0.37 6.34 -2.47
CA ASP A 280 1.51 5.89 -3.23
C ASP A 280 1.50 4.34 -3.40
N THR A 281 1.08 3.66 -2.36
CA THR A 281 1.05 2.22 -2.38
C THR A 281 0.10 1.70 -3.43
N THR A 282 -1.14 2.19 -3.39
CA THR A 282 -2.16 1.69 -4.36
C THR A 282 -1.72 2.08 -5.77
N ALA A 283 -1.28 3.34 -5.95
CA ALA A 283 -0.77 3.80 -7.26
C ALA A 283 0.38 2.94 -7.78
N SER A 284 1.34 2.61 -6.92
CA SER A 284 2.41 1.82 -7.34
C SER A 284 1.94 0.39 -7.68
N MET A 285 1.06 -0.23 -6.91
CA MET A 285 0.51 -1.53 -7.37
C MET A 285 -0.14 -1.42 -8.73
N LEU A 286 -0.96 -0.36 -8.97
CA LEU A 286 -1.70 -0.29 -10.24
C LEU A 286 -0.69 -0.13 -11.41
N GLY A 287 0.27 0.76 -11.26
CA GLY A 287 1.25 0.90 -12.37
C GLY A 287 2.30 -0.19 -12.53
N LEU A 288 2.94 -0.62 -11.44
CA LEU A 288 3.90 -1.68 -11.49
C LEU A 288 3.24 -2.95 -11.92
N GLY A 289 1.98 -3.19 -11.52
CA GLY A 289 1.26 -4.38 -11.94
C GLY A 289 0.98 -4.43 -13.41
N ILE A 290 0.52 -3.34 -13.98
CA ILE A 290 0.35 -3.25 -15.43
C ILE A 290 1.72 -3.35 -16.18
N PHE A 291 2.75 -2.70 -15.65
CA PHE A 291 4.13 -2.82 -16.21
C PHE A 291 4.61 -4.29 -16.32
N VAL A 292 4.45 -5.04 -15.24
CA VAL A 292 4.80 -6.47 -15.20
C VAL A 292 3.95 -7.31 -16.15
N LEU A 293 2.64 -7.11 -16.14
CA LEU A 293 1.77 -7.85 -17.01
C LEU A 293 2.07 -7.55 -18.49
N LEU A 294 2.40 -6.29 -18.82
CA LEU A 294 2.82 -5.95 -20.16
C LEU A 294 4.06 -6.68 -20.64
N GLN A 295 4.91 -7.07 -19.72
CA GLN A 295 6.06 -7.92 -19.95
C GLN A 295 5.90 -9.44 -19.83
N ARG A 296 4.73 -9.88 -19.43
CA ARG A 296 4.41 -11.27 -19.12
C ARG A 296 3.03 -11.57 -19.79
N PRO A 297 3.05 -11.72 -21.11
CA PRO A 297 1.83 -11.85 -21.89
C PRO A 297 0.99 -13.01 -21.46
N ALA A 298 1.60 -14.14 -21.06
CA ALA A 298 0.75 -15.24 -20.56
C ALA A 298 -0.05 -14.86 -19.29
N GLN A 299 0.58 -14.10 -18.41
CA GLN A 299 -0.06 -13.62 -17.17
C GLN A 299 -1.15 -12.59 -17.44
N LEU A 300 -0.89 -11.63 -18.32
CA LEU A 300 -1.91 -10.70 -18.74
C LEU A 300 -3.16 -11.36 -19.28
N ALA A 301 -2.94 -12.36 -20.15
CA ALA A 301 -4.01 -13.10 -20.82
C ALA A 301 -4.86 -13.84 -19.72
N THR A 302 -4.18 -14.37 -18.74
CA THR A 302 -4.85 -15.02 -17.59
C THR A 302 -5.77 -14.01 -16.87
N LEU A 303 -5.27 -12.83 -16.53
CA LEU A 303 -6.15 -11.87 -15.79
C LEU A 303 -7.33 -11.48 -16.71
N ARG A 304 -7.02 -11.16 -17.97
CA ARG A 304 -7.99 -10.59 -18.88
C ARG A 304 -9.07 -11.62 -19.27
N ASP A 305 -8.67 -12.87 -19.47
CA ASP A 305 -9.54 -13.93 -20.02
C ASP A 305 -10.35 -14.75 -18.99
N ASP A 306 -9.93 -14.70 -17.72
CA ASP A 306 -10.60 -15.41 -16.60
C ASP A 306 -10.97 -14.43 -15.50
N PRO A 307 -11.94 -13.59 -15.76
CA PRO A 307 -12.21 -12.49 -14.78
C PRO A 307 -12.77 -12.96 -13.45
N SER A 308 -13.17 -14.23 -13.38
CA SER A 308 -13.69 -14.77 -12.14
C SER A 308 -12.57 -15.05 -11.13
N ARG A 309 -11.34 -15.10 -11.60
CA ARG A 309 -10.17 -15.28 -10.71
C ARG A 309 -9.39 -13.95 -10.39
N ILE A 310 -10.06 -12.80 -10.64
CA ILE A 310 -9.49 -11.51 -10.27
C ILE A 310 -8.96 -11.54 -8.80
N ALA A 311 -9.66 -12.23 -7.88
CA ALA A 311 -9.23 -12.15 -6.46
C ALA A 311 -7.86 -12.84 -6.28
N ASP A 312 -7.65 -14.04 -6.88
CA ASP A 312 -6.32 -14.70 -6.85
C ASP A 312 -5.22 -13.95 -7.57
N ALA A 313 -5.57 -13.39 -8.69
CA ALA A 313 -4.66 -12.57 -9.46
C ALA A 313 -4.12 -11.41 -8.61
N VAL A 314 -5.03 -10.65 -8.00
CA VAL A 314 -4.60 -9.57 -7.12
C VAL A 314 -3.76 -10.00 -5.94
N GLU A 315 -4.10 -11.11 -5.25
CA GLU A 315 -3.24 -11.63 -4.23
C GLU A 315 -1.83 -11.94 -4.72
N GLU A 316 -1.75 -12.51 -5.92
CA GLU A 316 -0.50 -12.92 -6.46
C GLU A 316 0.35 -11.75 -6.88
N LEU A 317 -0.28 -10.71 -7.45
CA LEU A 317 0.40 -9.46 -7.75
C LEU A 317 0.92 -8.75 -6.47
N LEU A 318 0.13 -8.80 -5.41
CA LEU A 318 0.48 -8.21 -4.16
C LEU A 318 1.77 -8.89 -3.62
N ARG A 319 1.75 -10.22 -3.68
CA ARG A 319 2.85 -10.98 -3.16
C ARG A 319 4.11 -10.73 -3.97
N TYR A 320 3.97 -10.84 -5.28
CA TYR A 320 5.10 -10.78 -6.18
C TYR A 320 5.69 -9.37 -6.33
N LEU A 321 4.88 -8.34 -6.40
CA LEU A 321 5.39 -7.02 -6.61
C LEU A 321 5.96 -6.45 -5.31
N SER A 322 5.37 -6.73 -4.14
CA SER A 322 5.89 -6.29 -2.84
C SER A 322 6.33 -4.86 -2.85
N VAL A 323 5.38 -3.94 -3.06
CA VAL A 323 5.75 -2.55 -3.30
C VAL A 323 6.31 -1.81 -2.06
N VAL A 324 5.98 -2.24 -0.86
CA VAL A 324 6.46 -1.62 0.33
C VAL A 324 7.98 -1.86 0.34
N ASN A 325 8.74 -0.83 0.52
CA ASN A 325 10.20 -0.90 0.33
C ASN A 325 10.88 0.25 1.13
N PRO A 326 11.95 -0.03 1.90
CA PRO A 326 12.58 -1.27 1.92
C PRO A 326 11.99 -2.25 2.83
N GLY A 327 10.84 -1.93 3.45
CA GLY A 327 10.15 -2.94 4.13
C GLY A 327 9.39 -2.37 5.32
N ILE A 328 9.00 -3.24 6.23
CA ILE A 328 8.31 -2.88 7.45
C ILE A 328 9.30 -2.84 8.67
N PHE A 329 9.34 -1.73 9.34
CA PHE A 329 10.38 -1.49 10.37
C PHE A 329 9.82 -1.79 11.75
N ARG A 330 10.62 -2.40 12.60
CA ARG A 330 10.23 -2.48 14.04
C ARG A 330 11.51 -2.18 14.83
N PHE A 331 11.34 -1.94 16.13
CA PHE A 331 12.46 -1.53 17.02
C PHE A 331 12.36 -2.34 18.31
N ALA A 332 13.45 -2.98 18.71
CA ALA A 332 13.41 -3.83 19.88
C ALA A 332 13.12 -2.97 21.10
N LYS A 333 12.12 -3.34 21.89
CA LYS A 333 11.81 -2.62 23.18
C LYS A 333 12.87 -2.81 24.30
N GLU A 334 13.58 -3.92 24.22
CA GLU A 334 14.52 -4.32 25.28
C GLU A 334 15.55 -5.27 24.64
N ASP A 335 16.68 -5.48 25.31
CA ASP A 335 17.54 -6.58 24.90
C ASP A 335 16.74 -7.86 24.78
N LEU A 336 16.91 -8.60 23.68
CA LEU A 336 16.15 -9.83 23.54
C LEU A 336 16.80 -10.83 22.60
N GLU A 337 16.23 -12.01 22.59
CA GLU A 337 16.68 -13.11 21.82
C GLU A 337 15.56 -13.53 20.86
N PHE A 338 15.87 -13.61 19.58
CA PHE A 338 14.84 -13.93 18.62
C PHE A 338 15.44 -14.69 17.45
N ALA A 339 14.90 -15.86 17.12
CA ALA A 339 15.47 -16.73 16.09
C ALA A 339 16.96 -16.96 16.28
N GLY A 340 17.39 -17.04 17.54
CA GLY A 340 18.81 -17.18 17.88
C GLY A 340 19.70 -15.95 17.81
N GLU A 341 19.14 -14.78 17.54
CA GLU A 341 19.91 -13.56 17.48
C GLU A 341 19.80 -12.83 18.80
N HIS A 342 20.84 -12.10 19.17
CA HIS A 342 20.84 -11.31 20.40
C HIS A 342 20.80 -9.84 19.98
N ILE A 343 19.62 -9.25 20.19
CA ILE A 343 19.34 -7.91 19.69
C ILE A 343 19.25 -6.85 20.79
N PRO A 344 20.06 -5.82 20.70
CA PRO A 344 20.00 -4.85 21.77
C PRO A 344 18.74 -4.00 21.67
N ALA A 345 18.31 -3.52 22.81
CA ALA A 345 17.12 -2.69 22.86
C ALA A 345 17.37 -1.52 21.94
N GLY A 346 16.36 -1.10 21.20
CA GLY A 346 16.53 0.04 20.27
C GLY A 346 16.94 -0.34 18.86
N SER A 347 17.36 -1.57 18.63
CA SER A 347 17.93 -1.92 17.37
C SER A 347 16.81 -1.91 16.34
N THR A 348 17.13 -1.50 15.13
CA THR A 348 16.19 -1.60 13.98
C THR A 348 16.09 -3.01 13.48
N VAL A 349 14.84 -3.53 13.33
CA VAL A 349 14.57 -4.75 12.67
C VAL A 349 13.59 -4.43 11.49
N VAL A 350 13.98 -4.84 10.28
CA VAL A 350 13.21 -4.59 9.04
C VAL A 350 12.81 -5.90 8.40
N VAL A 351 11.50 -6.08 8.18
CA VAL A 351 10.97 -7.15 7.39
C VAL A 351 10.98 -6.75 5.94
N SER A 352 11.73 -7.51 5.13
CA SER A 352 11.85 -7.16 3.71
C SER A 352 10.60 -7.82 3.14
N VAL A 353 9.66 -7.04 2.65
CA VAL A 353 8.42 -7.61 2.06
C VAL A 353 8.74 -8.38 0.82
N VAL A 354 9.62 -7.87 -0.03
CA VAL A 354 9.81 -8.56 -1.29
C VAL A 354 10.56 -9.87 -1.02
N ALA A 355 11.56 -9.89 -0.11
CA ALA A 355 12.24 -11.14 0.15
C ALA A 355 11.39 -12.17 0.88
N THR A 356 10.63 -11.74 1.89
CA THR A 356 9.76 -12.62 2.59
C THR A 356 8.71 -13.23 1.66
N ASN A 357 8.20 -12.43 0.71
CA ASN A 357 7.13 -12.89 -0.18
C ASN A 357 7.61 -13.84 -1.26
N ARG A 358 8.92 -14.10 -1.31
CA ARG A 358 9.53 -15.11 -2.19
C ARG A 358 10.35 -16.16 -1.46
N ASP A 359 10.09 -16.31 -0.17
CA ASP A 359 10.71 -17.30 0.68
C ASP A 359 10.51 -18.70 0.04
N ALA A 360 11.57 -19.23 -0.54
CA ALA A 360 11.52 -20.52 -1.23
C ALA A 360 11.20 -21.69 -0.31
N ARG A 361 11.34 -21.54 1.00
CA ARG A 361 10.86 -22.55 1.93
C ARG A 361 9.34 -22.51 2.02
N HIS A 362 8.70 -21.45 1.53
CA HIS A 362 7.25 -21.39 1.60
C HIS A 362 6.58 -21.43 0.22
N TRP A 363 7.17 -20.76 -0.76
CA TRP A 363 6.77 -20.88 -2.17
C TRP A 363 7.89 -21.54 -2.99
N PRO A 364 7.85 -22.88 -3.09
CA PRO A 364 8.83 -23.62 -3.92
C PRO A 364 9.13 -22.94 -5.25
N ASP A 365 8.09 -22.51 -5.96
CA ASP A 365 8.26 -21.76 -7.19
C ASP A 365 7.66 -20.39 -6.92
N PRO A 366 8.52 -19.40 -6.61
CA PRO A 366 8.00 -18.08 -6.21
C PRO A 366 7.80 -17.12 -7.37
N ASP A 367 7.94 -17.61 -8.62
CA ASP A 367 7.72 -16.82 -9.78
C ASP A 367 6.24 -16.43 -9.89
N LEU A 368 6.00 -15.36 -10.65
CA LEU A 368 4.69 -14.84 -10.85
C LEU A 368 3.79 -15.84 -11.57
N ASP A 369 2.67 -16.20 -10.92
CA ASP A 369 1.72 -17.12 -11.52
C ASP A 369 0.27 -16.79 -11.12
N LEU A 370 -0.44 -16.12 -12.00
CA LEU A 370 -1.78 -15.62 -11.67
C LEU A 370 -2.82 -16.71 -11.48
N THR A 371 -2.49 -17.94 -11.86
CA THR A 371 -3.37 -19.05 -11.55
C THR A 371 -3.17 -19.66 -10.16
N ARG A 372 -2.24 -19.17 -9.33
CA ARG A 372 -2.05 -19.70 -7.95
C ARG A 372 -3.25 -19.34 -7.10
N PRO A 373 -3.83 -20.31 -6.35
CA PRO A 373 -4.92 -20.02 -5.46
C PRO A 373 -4.37 -19.10 -4.39
N ARG A 374 -5.28 -18.29 -3.86
CA ARG A 374 -4.98 -17.20 -2.87
C ARG A 374 -4.47 -17.89 -1.59
N GLY A 375 -3.34 -17.44 -1.07
CA GLY A 375 -2.85 -17.81 0.27
C GLY A 375 -2.23 -16.60 0.95
N PRO A 376 -1.87 -16.71 2.23
CA PRO A 376 -1.43 -15.42 2.87
C PRO A 376 -0.06 -14.99 2.38
N HIS A 377 0.18 -13.68 2.39
CA HIS A 377 1.46 -13.10 2.10
C HIS A 377 1.65 -11.95 3.12
N LEU A 378 2.76 -11.23 2.98
CA LEU A 378 3.11 -10.13 3.81
C LEU A 378 2.96 -8.73 3.16
N ALA A 379 2.38 -8.61 1.96
CA ALA A 379 2.34 -7.31 1.33
C ALA A 379 1.61 -6.22 2.13
N PHE A 380 0.62 -6.63 3.02
CA PHE A 380 -0.15 -5.78 3.87
C PHE A 380 0.30 -5.88 5.33
N GLY A 381 1.48 -6.50 5.53
CA GLY A 381 1.91 -6.84 6.86
C GLY A 381 1.12 -7.90 7.58
N HIS A 382 1.21 -7.84 8.90
CA HIS A 382 0.62 -8.82 9.80
C HIS A 382 0.56 -8.25 11.20
N GLY A 383 -0.32 -8.82 12.03
CA GLY A 383 -0.52 -8.42 13.43
C GLY A 383 -1.41 -7.20 13.57
N VAL A 384 -1.29 -6.50 14.72
CA VAL A 384 -2.26 -5.43 15.05
C VAL A 384 -2.16 -4.24 14.12
N HIS A 385 -1.03 -4.05 13.43
CA HIS A 385 -0.90 -2.96 12.48
C HIS A 385 -1.19 -3.38 11.03
N GLN A 386 -1.56 -4.61 10.77
CA GLN A 386 -1.78 -4.92 9.36
C GLN A 386 -2.75 -3.95 8.66
N CYS A 387 -2.45 -3.70 7.40
CA CYS A 387 -3.05 -2.60 6.61
C CYS A 387 -4.49 -2.46 6.96
N LEU A 388 -4.88 -1.28 7.47
CA LEU A 388 -6.24 -0.97 7.76
C LEU A 388 -7.03 -0.87 6.45
N GLY A 389 -6.40 -0.49 5.35
CA GLY A 389 -7.08 -0.22 4.09
C GLY A 389 -7.11 -1.35 3.09
N GLN A 390 -6.70 -2.54 3.50
CA GLN A 390 -6.41 -3.63 2.60
C GLN A 390 -7.67 -4.00 1.81
N GLN A 391 -8.87 -3.92 2.45
CA GLN A 391 -10.07 -4.25 1.66
C GLN A 391 -10.38 -3.21 0.59
N LEU A 392 -10.15 -1.95 0.87
CA LEU A 392 -10.28 -0.90 -0.14
C LEU A 392 -9.28 -1.03 -1.25
N ALA A 393 -8.03 -1.25 -0.87
CA ALA A 393 -6.99 -1.48 -1.82
C ALA A 393 -7.33 -2.70 -2.75
N ARG A 394 -7.75 -3.80 -2.16
CA ARG A 394 -8.11 -4.92 -2.96
C ARG A 394 -9.22 -4.59 -3.97
N MET A 395 -10.23 -3.88 -3.49
CA MET A 395 -11.37 -3.51 -4.37
C MET A 395 -10.88 -2.62 -5.52
N GLU A 396 -10.05 -1.60 -5.23
CA GLU A 396 -9.48 -0.83 -6.30
C GLU A 396 -8.64 -1.60 -7.32
N MET A 397 -7.76 -2.47 -6.85
CA MET A 397 -6.92 -3.26 -7.76
C MET A 397 -7.74 -4.23 -8.57
N GLN A 398 -8.72 -4.88 -7.90
CA GLN A 398 -9.60 -5.85 -8.61
C GLN A 398 -10.40 -5.12 -9.67
N ALA A 399 -11.00 -4.00 -9.31
CA ALA A 399 -11.80 -3.23 -10.29
C ALA A 399 -10.91 -2.57 -11.40
N GLY A 400 -9.76 -2.08 -10.96
CA GLY A 400 -8.86 -1.35 -11.90
C GLY A 400 -8.18 -2.22 -12.90
N TYR A 401 -7.55 -3.27 -12.46
CA TYR A 401 -6.87 -4.14 -13.42
C TYR A 401 -7.89 -4.70 -14.42
N ALA A 402 -9.06 -5.09 -13.93
CA ALA A 402 -10.05 -5.75 -14.81
C ALA A 402 -10.60 -4.76 -15.83
N GLU A 403 -10.90 -3.52 -15.39
CA GLU A 403 -11.37 -2.45 -16.25
C GLU A 403 -10.34 -2.10 -17.36
N LEU A 404 -9.07 -2.05 -17.02
CA LEU A 404 -8.04 -1.70 -18.00
C LEU A 404 -7.92 -2.78 -19.05
N LEU A 405 -7.86 -4.02 -18.60
CA LEU A 405 -7.63 -5.11 -19.50
C LEU A 405 -8.83 -5.39 -20.36
N ARG A 406 -10.04 -5.20 -19.81
CA ARG A 406 -11.28 -5.40 -20.58
C ARG A 406 -11.47 -4.33 -21.59
N ARG A 407 -11.12 -3.09 -21.26
CA ARG A 407 -11.52 -1.97 -22.12
C ARG A 407 -10.45 -1.30 -23.04
N LEU A 408 -9.17 -1.56 -22.82
CA LEU A 408 -8.11 -1.06 -23.68
C LEU A 408 -7.64 -2.21 -24.58
N PRO A 409 -8.20 -2.29 -25.81
CA PRO A 409 -7.86 -3.43 -26.69
C PRO A 409 -6.41 -3.53 -27.04
N ASN A 410 -5.83 -4.71 -26.90
CA ASN A 410 -4.46 -4.97 -27.25
C ASN A 410 -3.50 -4.04 -26.56
N VAL A 411 -3.81 -3.74 -25.31
CA VAL A 411 -2.94 -2.79 -24.56
C VAL A 411 -1.49 -3.27 -24.52
N ARG A 412 -0.56 -2.32 -24.68
CA ARG A 412 0.84 -2.64 -24.82
C ARG A 412 1.62 -1.38 -24.43
N LEU A 413 2.85 -1.62 -24.05
CA LEU A 413 3.87 -0.56 -23.82
C LEU A 413 4.10 0.26 -25.06
N ALA A 414 4.30 1.57 -24.88
CA ALA A 414 4.58 2.45 -25.98
C ALA A 414 6.05 2.91 -26.07
N VAL A 415 6.85 2.27 -25.23
CA VAL A 415 8.28 2.38 -25.20
C VAL A 415 8.83 1.01 -24.89
N PRO A 416 10.14 0.84 -25.09
CA PRO A 416 10.74 -0.40 -24.64
C PRO A 416 10.79 -0.49 -23.12
N PRO A 417 10.56 -1.69 -22.58
CA PRO A 417 10.43 -1.90 -21.17
C PRO A 417 11.60 -1.41 -20.40
N GLU A 418 12.81 -1.58 -20.96
CA GLU A 418 14.02 -1.11 -20.29
C GLU A 418 14.10 0.37 -20.08
N GLU A 419 13.35 1.10 -20.88
CA GLU A 419 13.26 2.59 -20.70
C GLU A 419 12.24 3.09 -19.64
N VAL A 420 11.39 2.24 -19.11
CA VAL A 420 10.45 2.70 -18.07
C VAL A 420 11.20 3.01 -16.76
N PRO A 421 11.06 4.25 -16.20
CA PRO A 421 11.83 4.61 -15.00
C PRO A 421 11.20 4.10 -13.70
N LEU A 422 11.96 3.31 -12.97
CA LEU A 422 11.49 2.73 -11.69
C LEU A 422 11.85 3.67 -10.53
N ARG A 423 11.06 3.62 -9.47
CA ARG A 423 11.33 4.38 -8.27
C ARG A 423 12.32 3.71 -7.30
N ASN A 424 13.61 3.82 -7.60
CA ASN A 424 14.62 3.31 -6.66
C ASN A 424 15.00 4.30 -5.56
N ASP A 425 15.18 5.55 -5.96
CA ASP A 425 15.53 6.66 -5.08
C ASP A 425 14.34 7.16 -4.23
N MET A 426 13.25 6.38 -4.11
CA MET A 426 12.13 6.64 -3.14
C MET A 426 11.79 5.44 -2.28
N LEU A 427 10.94 5.63 -1.28
CA LEU A 427 10.54 4.53 -0.46
C LEU A 427 9.79 3.43 -1.25
N THR A 428 8.46 3.47 -1.26
CA THR A 428 7.61 2.62 -2.09
C THR A 428 8.10 2.37 -3.51
N TYR A 429 8.28 1.14 -3.87
CA TYR A 429 8.75 0.77 -5.22
C TYR A 429 7.60 0.91 -6.25
N GLY A 430 7.95 1.30 -7.46
CA GLY A 430 7.01 1.40 -8.54
C GLY A 430 7.64 2.00 -9.77
N VAL A 431 6.84 2.78 -10.50
CA VAL A 431 7.24 3.32 -11.72
C VAL A 431 6.93 4.86 -11.62
N HIS A 432 7.78 5.69 -12.21
CA HIS A 432 7.49 7.12 -12.34
C HIS A 432 6.49 7.49 -13.41
N SER A 433 6.50 6.73 -14.49
CA SER A 433 5.78 7.05 -15.65
C SER A 433 5.54 5.76 -16.46
N LEU A 434 4.41 5.57 -17.12
CA LEU A 434 4.14 4.34 -17.82
C LEU A 434 3.40 4.59 -19.13
N PRO A 435 4.15 4.91 -20.18
CA PRO A 435 3.51 5.16 -21.46
C PRO A 435 2.95 3.88 -22.04
N ILE A 436 1.65 3.91 -22.35
CA ILE A 436 0.96 2.73 -22.92
C ILE A 436 0.15 3.15 -24.12
N ALA A 437 -0.17 2.17 -24.93
CA ALA A 437 -1.07 2.31 -26.10
C ALA A 437 -2.06 1.16 -26.22
N TRP A 438 -3.08 1.39 -27.02
CA TRP A 438 -4.16 0.45 -27.31
C TRP A 438 -4.78 0.76 -28.69
N ASP A 439 -5.67 -0.08 -29.19
CA ASP A 439 -6.23 0.13 -30.52
C ASP A 439 -7.50 0.91 -30.44
CHA HEM B . -0.58 -0.14 7.20
CHB HEM B . 0.51 -1.87 2.84
CHC HEM B . -3.23 0.56 0.93
CHD HEM B . -4.16 2.52 5.24
C1A HEM B . 0.01 -0.84 6.18
C2A HEM B . 1.07 -1.81 6.38
C3A HEM B . 1.38 -2.28 5.15
C4A HEM B . 0.50 -1.66 4.20
CMA HEM B . 2.46 -3.23 4.83
CAA HEM B . 1.66 -2.16 7.73
CBA HEM B . 2.67 -1.14 8.19
CGA HEM B . 3.27 -1.61 9.49
O1A HEM B . 4.04 -0.79 10.02
O2A HEM B . 3.02 -2.73 10.02
C1B HEM B . -0.40 -1.29 1.94
C2B HEM B . -0.40 -1.64 0.55
C3B HEM B . -1.45 -0.97 -0.05
C4B HEM B . -2.10 -0.21 1.05
CMB HEM B . 0.62 -2.54 -0.07
CAB HEM B . -1.97 -0.96 -1.43
CBB HEM B . -1.74 -1.95 -2.25
C1C HEM B . -3.84 1.25 1.94
C2C HEM B . -5.09 2.00 1.81
C3C HEM B . -5.30 2.63 3.00
C4C HEM B . -4.25 2.19 3.92
CMC HEM B . -5.90 2.20 0.56
CAC HEM B . -6.52 3.43 3.17
CBC HEM B . -7.17 3.43 4.31
C1D HEM B . -3.23 1.94 6.12
C2D HEM B . -3.14 2.43 7.52
C3D HEM B . -2.14 1.65 8.10
C4D HEM B . -1.61 0.81 6.97
CMD HEM B . -4.03 3.50 8.12
CAD HEM B . -1.64 1.64 9.50
CBD HEM B . -2.35 0.57 10.38
CGD HEM B . -2.00 0.58 11.85
O1D HEM B . -2.82 0.02 12.65
O2D HEM B . -0.83 1.06 12.09
NA HEM B . -0.41 -0.83 4.83
NB HEM B . -1.49 -0.56 2.19
NC HEM B . -3.46 1.31 3.24
ND HEM B . -2.33 0.99 5.83
FE HEM B . -1.95 0.19 4.06
#